data_3Q9G
# 
_entry.id   3Q9G 
# 
_audit_conform.dict_name       mmcif_pdbx.dic 
_audit_conform.dict_version    5.381 
_audit_conform.dict_location   http://mmcif.pdb.org/dictionaries/ascii/mmcif_pdbx.dic 
# 
loop_
_database_2.database_id 
_database_2.database_code 
_database_2.pdbx_database_accession 
_database_2.pdbx_DOI 
PDB   3Q9G         pdb_00003q9g 10.2210/pdb3q9g/pdb 
RCSB  RCSB063361   ?            ?                   
WWPDB D_1000063361 ?            ?                   
# 
loop_
_pdbx_database_related.db_name 
_pdbx_database_related.db_id 
_pdbx_database_related.details 
_pdbx_database_related.content_type 
PDB 3Q9H . unspecified 
PDB 3Q9I . unspecified 
PDB 3Q9J . unspecified 
# 
_pdbx_database_status.entry_id                        3Q9G 
_pdbx_database_status.status_code                     REL 
_pdbx_database_status.deposit_site                    RCSB 
_pdbx_database_status.process_site                    RCSB 
_pdbx_database_status.recvd_initial_deposition_date   2011-01-07 
_pdbx_database_status.status_code_sf                  REL 
_pdbx_database_status.status_code_mr                  ? 
_pdbx_database_status.SG_entry                        ? 
_pdbx_database_status.status_code_cs                  ? 
_pdbx_database_status.pdb_format_compatible           Y 
_pdbx_database_status.status_code_nmr_data            ? 
_pdbx_database_status.methods_development_category    ? 
# 
loop_
_audit_author.name 
_audit_author.pdbx_ordinal 
'Liu, C.'       1 
'Sawaya, M.R.'  2 
'Eisenberg, D.' 3 
'Nowick, J.S.'  4 
'Cheng, P.'     5 
'Zheng, J.'     6 
# 
_citation.id                        primary 
_citation.title                     
'Characteristics of Amyloid-Related Oligomers Revealed by Crystal Structures of Macrocyclic beta-Sheet Mimics.' 
_citation.journal_abbrev            J.Am.Chem.Soc. 
_citation.journal_volume            133 
_citation.page_first                6736 
_citation.page_last                 6744 
_citation.year                      2011 
_citation.journal_id_ASTM           JACSAT 
_citation.country                   US 
_citation.journal_id_ISSN           0002-7863 
_citation.journal_id_CSD            0004 
_citation.book_publisher            ? 
_citation.pdbx_database_id_PubMed   21473620 
_citation.pdbx_database_id_DOI      10.1021/ja200222n 
# 
loop_
_citation_author.citation_id 
_citation_author.name 
_citation_author.ordinal 
_citation_author.identifier_ORCID 
primary 'Liu, C.'       1 ? 
primary 'Sawaya, M.R.'  2 ? 
primary 'Cheng, P.N.'   3 ? 
primary 'Zheng, J.'     4 ? 
primary 'Nowick, J.S.'  5 ? 
primary 'Eisenberg, D.' 6 ? 
# 
_cell.length_a           32.867 
_cell.length_b           32.867 
_cell.length_c           55.413 
_cell.angle_alpha        90.000 
_cell.angle_beta         90.000 
_cell.angle_gamma        90.000 
_cell.entry_id           3Q9G 
_cell.pdbx_unique_axis   ? 
_cell.Z_PDB              16 
_cell.length_a_esd       ? 
_cell.length_b_esd       ? 
_cell.length_c_esd       ? 
_cell.angle_alpha_esd    ? 
_cell.angle_beta_esd     ? 
_cell.angle_gamma_esd    ? 
# 
_symmetry.space_group_name_H-M             'I 41 2 2' 
_symmetry.entry_id                         3Q9G 
_symmetry.Int_Tables_number                98 
_symmetry.pdbx_full_space_group_name_H-M   ? 
_symmetry.cell_setting                     ? 
_symmetry.space_group_name_Hall            ? 
# 
loop_
_entity.id 
_entity.type 
_entity.src_method 
_entity.pdbx_description 
_entity.formula_weight 
_entity.pdbx_number_of_molecules 
_entity.pdbx_ec 
_entity.pdbx_mutation 
_entity.pdbx_fragment 
_entity.details 
1 polymer     syn 'Cyclic pseudo-peptide VQIV(4BF)(ORN)(HAO)KL(ORN)' 1389.458 1  ? ? ? 
;VQIVY segment from Alzheimer's tau displayed on 42-membered macrocycle scaffold
;
2 non-polymer syn GLYCEROL                                           92.094   1  ? ? ? ? 
3 non-polymer syn 'ACETIC ACID'                                      60.052   1  ? ? ? ? 
4 water       nat water                                              18.015   12 ? ? ? ? 
# 
_entity_poly.entity_id                      1 
_entity_poly.type                           'polypeptide(L)' 
_entity_poly.nstd_linkage                   no 
_entity_poly.nstd_monomer                   yes 
_entity_poly.pdbx_seq_one_letter_code       'VQIV(4BF)(ORN)(HAO)KL(ORN)' 
_entity_poly.pdbx_seq_one_letter_code_can   VQIVYAXKLA 
_entity_poly.pdbx_strand_id                 A 
_entity_poly.pdbx_target_identifier         ? 
# 
loop_
_entity_poly_seq.entity_id 
_entity_poly_seq.num 
_entity_poly_seq.mon_id 
_entity_poly_seq.hetero 
1 1  VAL n 
1 2  GLN n 
1 3  ILE n 
1 4  VAL n 
1 5  4BF n 
1 6  ORN n 
1 7  HAO n 
1 8  LYS n 
1 9  LEU n 
1 10 ORN n 
# 
_struct_ref.id                         1 
_struct_ref.db_name                    PDB 
_struct_ref.db_code                    3Q9G 
_struct_ref.pdbx_db_accession          3Q9G 
_struct_ref.entity_id                  1 
_struct_ref.pdbx_align_begin           ? 
_struct_ref.pdbx_seq_one_letter_code   VQIVYAXKLA 
_struct_ref.pdbx_db_isoform            ? 
# 
_struct_ref_seq.align_id                      1 
_struct_ref_seq.ref_id                        1 
_struct_ref_seq.pdbx_PDB_id_code              3Q9G 
_struct_ref_seq.pdbx_strand_id                A 
_struct_ref_seq.seq_align_beg                 1 
_struct_ref_seq.pdbx_seq_align_beg_ins_code   ? 
_struct_ref_seq.seq_align_end                 10 
_struct_ref_seq.pdbx_seq_align_end_ins_code   ? 
_struct_ref_seq.pdbx_db_accession             3Q9G 
_struct_ref_seq.db_align_beg                  1 
_struct_ref_seq.pdbx_db_align_beg_ins_code    ? 
_struct_ref_seq.db_align_end                  10 
_struct_ref_seq.pdbx_db_align_end_ins_code    ? 
_struct_ref_seq.pdbx_auth_seq_align_beg       1 
_struct_ref_seq.pdbx_auth_seq_align_end       10 
# 
loop_
_chem_comp.id 
_chem_comp.type 
_chem_comp.mon_nstd_flag 
_chem_comp.name 
_chem_comp.pdbx_synonyms 
_chem_comp.formula 
_chem_comp.formula_weight 
4BF 'L-peptide linking' n 4-BROMO-L-PHENYLALANINE                                          P-BROMO-L-PHENYLALANINE         
'C9 H10 Br N O2' 244.085 
ACY non-polymer         . 'ACETIC ACID'                                                    ?                               
'C2 H4 O2'       60.052  
GLN 'L-peptide linking' y GLUTAMINE                                                        ?                               
'C5 H10 N2 O3'   146.144 
GOL non-polymer         . GLYCEROL                                                         'GLYCERIN; PROPANE-1,2,3-TRIOL' 
'C3 H8 O3'       92.094  
HAO peptide-like        . '{[3-(hydrazinocarbonyl)-4-methoxyphenyl]amino}(oxo)acetic acid' ?                               
'C10 H11 N3 O5'  253.211 
HOH non-polymer         . WATER                                                            ?                               'H2 O' 
18.015  
ILE 'L-peptide linking' y ISOLEUCINE                                                       ?                               
'C6 H13 N O2'    131.173 
LEU 'L-peptide linking' y LEUCINE                                                          ?                               
'C6 H13 N O2'    131.173 
LYS 'L-peptide linking' y LYSINE                                                           ?                               
'C6 H15 N2 O2 1' 147.195 
ORN 'L-peptide linking' n L-ornithine                                                      ?                               
'C5 H12 N2 O2'   132.161 
VAL 'L-peptide linking' y VALINE                                                           ?                               
'C5 H11 N O2'    117.146 
# 
_exptl.crystals_number   1 
_exptl.entry_id          3Q9G 
_exptl.method            'X-RAY DIFFRACTION' 
# 
_exptl_crystal.id                    1 
_exptl_crystal.density_Matthews      2.69 
_exptl_crystal.density_meas          ? 
_exptl_crystal.density_percent_sol   54.32 
_exptl_crystal.description           ? 
_exptl_crystal.F_000                 ? 
_exptl_crystal.preparation           ? 
# 
_exptl_crystal_grow.crystal_id      1 
_exptl_crystal_grow.method          'VAPOR DIFFUSION, SITTING DROP' 
_exptl_crystal_grow.pH              6.2 
_exptl_crystal_grow.temp            291 
_exptl_crystal_grow.pdbx_details    
'Na/K phosphate pH 6.2, 35% (v/v) (+/-)-2-Methyl-2,4-pentanediol, VAPOR DIFFUSION, SITTING DROP, temperature 291K' 
_exptl_crystal_grow.temp_details    ? 
_exptl_crystal_grow.pdbx_pH_range   ? 
# 
_diffrn.id                     1 
_diffrn.ambient_temp           100 
_diffrn.ambient_temp_details   ? 
_diffrn.crystal_id             1 
# 
_diffrn_detector.diffrn_id              1 
_diffrn_detector.detector               'IMAGE PLATE' 
_diffrn_detector.type                   'RIGAKU RAXIS IV++' 
_diffrn_detector.pdbx_collection_date   2010-03-25 
_diffrn_detector.details                ? 
# 
_diffrn_radiation.diffrn_id                        1 
_diffrn_radiation.pdbx_diffrn_protocol             'SINGLE WAVELENGTH' 
_diffrn_radiation.monochromator                    ? 
_diffrn_radiation.wavelength_id                    1 
_diffrn_radiation.pdbx_monochromatic_or_laue_m_l   M 
_diffrn_radiation.pdbx_scattering_type             x-ray 
# 
_diffrn_radiation_wavelength.id           1 
_diffrn_radiation_wavelength.wavelength   1.5418 
_diffrn_radiation_wavelength.wt           1.0 
# 
_diffrn_source.diffrn_id                   1 
_diffrn_source.source                      'ROTATING ANODE' 
_diffrn_source.type                        'RIGAKU FR-D' 
_diffrn_source.pdbx_wavelength_list        1.5418 
_diffrn_source.pdbx_wavelength             ? 
_diffrn_source.pdbx_synchrotron_site       ? 
_diffrn_source.pdbx_synchrotron_beamline   ? 
# 
_reflns.entry_id                     3Q9G 
_reflns.d_resolution_high            2.050 
_reflns.d_resolution_low             80.000 
_reflns.number_obs                   1819 
_reflns.pdbx_Rmerge_I_obs            0.046 
_reflns.pdbx_netI_over_sigmaI        26.400 
_reflns.pdbx_chi_squared             0.975 
_reflns.pdbx_redundancy              7.100 
_reflns.percent_possible_obs         98.800 
_reflns.observed_criterion_sigma_F   ? 
_reflns.observed_criterion_sigma_I   ? 
_reflns.number_all                   ? 
_reflns.pdbx_Rsym_value              ? 
_reflns.B_iso_Wilson_estimate        ? 
_reflns.R_free_details               ? 
_reflns.limit_h_max                  ? 
_reflns.limit_h_min                  ? 
_reflns.limit_k_max                  ? 
_reflns.limit_k_min                  ? 
_reflns.limit_l_max                  ? 
_reflns.limit_l_min                  ? 
_reflns.observed_criterion_F_max     ? 
_reflns.observed_criterion_F_min     ? 
_reflns.pdbx_scaling_rejects         ? 
_reflns.pdbx_ordinal                 1 
_reflns.pdbx_diffrn_id               1 
# 
loop_
_reflns_shell.d_res_high 
_reflns_shell.d_res_low 
_reflns_shell.number_measured_obs 
_reflns_shell.number_measured_all 
_reflns_shell.number_unique_obs 
_reflns_shell.Rmerge_I_obs 
_reflns_shell.meanI_over_sigI_obs 
_reflns_shell.pdbx_Rsym_value 
_reflns_shell.pdbx_chi_squared 
_reflns_shell.pdbx_redundancy 
_reflns_shell.percent_possible_obs 
_reflns_shell.number_unique_all 
_reflns_shell.percent_possible_all 
_reflns_shell.pdbx_ordinal 
_reflns_shell.pdbx_diffrn_id 
2.050 2.120  ? ? ? 0.104 ? ? 0.922 6.900 ? 180 97.800  1  1 
2.120 2.210  ? ? ? 0.099 ? ? 0.735 6.900 ? 175 97.800  2  1 
2.210 2.310  ? ? ? 0.088 ? ? 1.352 7.100 ? 179 97.800  3  1 
2.310 2.430  ? ? ? 0.081 ? ? 0.947 7.000 ? 183 99.500  4  1 
2.430 2.580  ? ? ? 0.075 ? ? 1.015 7.200 ? 186 98.900  5  1 
2.580 2.780  ? ? ? 0.060 ? ? 0.876 7.100 ? 189 99.000  6  1 
2.780 3.060  ? ? ? 0.054 ? ? 0.942 7.200 ? 176 99.400  7  1 
3.060 3.510  ? ? ? 0.040 ? ? 0.944 7.200 ? 174 98.300  8  1 
3.510 4.420  ? ? ? 0.037 ? ? 0.993 7.300 ? 188 100.000 9  1 
4.420 80.000 ? ? ? 0.031 ? ? 1.007 7.100 ? 189 99.000  10 1 
# 
_refine.entry_id                                 3Q9G 
_refine.ls_d_res_high                            2.0500 
_refine.ls_d_res_low                             28.2700 
_refine.pdbx_ls_sigma_F                          0.000 
_refine.pdbx_data_cutoff_high_absF               ? 
_refine.pdbx_data_cutoff_low_absF                ? 
_refine.ls_percent_reflns_obs                    98.2500 
_refine.ls_number_reflns_obs                     1068 
_refine.ls_number_reflns_all                     ? 
_refine.pdbx_ls_cross_valid_method               THROUGHOUT 
_refine.pdbx_R_Free_selection_details            RANDOM 
_refine.details                                  ? 
_refine.ls_R_factor_all                          ? 
_refine.ls_R_factor_obs                          0.1804 
_refine.ls_R_factor_R_work                       0.1790 
_refine.ls_wR_factor_R_work                      ? 
_refine.ls_R_factor_R_free                       0.2027 
_refine.ls_wR_factor_R_free                      ? 
_refine.ls_percent_reflns_R_free                 5.7000 
_refine.ls_number_reflns_R_free                  61 
_refine.ls_R_factor_R_free_error                 ? 
_refine.B_iso_mean                               17.8411 
_refine.solvent_model_param_bsol                 ? 
_refine.solvent_model_param_ksol                 ? 
_refine.pdbx_isotropic_thermal_model             ? 
_refine.aniso_B[1][1]                            0.2200 
_refine.aniso_B[2][2]                            0.2200 
_refine.aniso_B[3][3]                            -0.4500 
_refine.aniso_B[1][2]                            0.0000 
_refine.aniso_B[1][3]                            0.0000 
_refine.aniso_B[2][3]                            0.0000 
_refine.correlation_coeff_Fo_to_Fc               0.9530 
_refine.correlation_coeff_Fo_to_Fc_free          0.9610 
_refine.overall_SU_R_Cruickshank_DPI             ? 
_refine.overall_SU_R_free                        ? 
_refine.pdbx_overall_ESU_R_Free                  0.1440 
_refine.overall_SU_ML                            0.0940 
_refine.overall_SU_B                             6.6910 
_refine.solvent_model_details                    MASK 
_refine.pdbx_solvent_vdw_probe_radii             1.4000 
_refine.pdbx_solvent_ion_probe_radii             0.8000 
_refine.pdbx_solvent_shrinkage_radii             0.8000 
_refine.ls_number_parameters                     ? 
_refine.ls_number_restraints                     ? 
_refine.pdbx_starting_model                      ? 
_refine.pdbx_method_to_determine_struct          SAD 
_refine.pdbx_stereochemistry_target_values       'MAXIMUM LIKELIHOOD' 
_refine.pdbx_stereochem_target_val_spec_case     ? 
_refine.overall_FOM_work_R_set                   ? 
_refine.B_iso_max                                63.050 
_refine.B_iso_min                                2.000 
_refine.occupancy_max                            1.000 
_refine.occupancy_min                            0.500 
_refine.pdbx_ls_sigma_I                          ? 
_refine.ls_redundancy_reflns_obs                 ? 
_refine.ls_R_factor_R_free_error_details         ? 
_refine.pdbx_data_cutoff_high_rms_absF           ? 
_refine.overall_FOM_free_R_set                   ? 
_refine.pdbx_overall_phase_error                 ? 
_refine.pdbx_refine_id                           'X-RAY DIFFRACTION' 
_refine.pdbx_overall_ESU_R                       ? 
_refine.pdbx_diffrn_id                           1 
_refine.pdbx_TLS_residual_ADP_flag               ? 
_refine.pdbx_overall_SU_R_free_Cruickshank_DPI   ? 
_refine.pdbx_overall_SU_R_Blow_DPI               ? 
_refine.pdbx_overall_SU_R_free_Blow_DPI          ? 
# 
_refine_hist.pdbx_refine_id                   'X-RAY DIFFRACTION' 
_refine_hist.cycle_id                         LAST 
_refine_hist.pdbx_number_atoms_protein        93 
_refine_hist.pdbx_number_atoms_nucleic_acid   0 
_refine_hist.pdbx_number_atoms_ligand         10 
_refine_hist.number_atoms_solvent             12 
_refine_hist.number_atoms_total               115 
_refine_hist.d_res_high                       2.0500 
_refine_hist.d_res_low                        28.2700 
# 
loop_
_refine_ls_restr.type 
_refine_ls_restr.number 
_refine_ls_restr.dev_ideal 
_refine_ls_restr.dev_ideal_target 
_refine_ls_restr.weight 
_refine_ls_restr.pdbx_refine_id 
_refine_ls_restr.pdbx_restraint_function 
r_bond_refined_d       103 0.017  0.022  ? 'X-RAY DIFFRACTION' ? 
r_angle_refined_deg    122 1.309  2.375  ? 'X-RAY DIFFRACTION' ? 
r_dihedral_angle_1_deg 5   7.215  5.000  ? 'X-RAY DIFFRACTION' ? 
r_dihedral_angle_2_deg 2   32.760 25.000 ? 'X-RAY DIFFRACTION' ? 
r_dihedral_angle_3_deg 13  17.645 15.000 ? 'X-RAY DIFFRACTION' ? 
r_chiral_restr         13  0.062  0.200  ? 'X-RAY DIFFRACTION' ? 
r_gen_planes_refined   49  0.007  0.020  ? 'X-RAY DIFFRACTION' ? 
r_mcbond_it            40  0.692  1.500  ? 'X-RAY DIFFRACTION' ? 
r_mcangle_it           55  1.130  2.000  ? 'X-RAY DIFFRACTION' ? 
r_scbond_it            63  2.745  3.000  ? 'X-RAY DIFFRACTION' ? 
r_scangle_it           67  3.524  4.500  ? 'X-RAY DIFFRACTION' ? 
# 
_refine_ls_shell.d_res_high                       2.0480 
_refine_ls_shell.d_res_low                        2.1010 
_refine_ls_shell.pdbx_total_number_of_bins_used   20 
_refine_ls_shell.percent_reflns_obs               96.1000 
_refine_ls_shell.number_reflns_R_work             71 
_refine_ls_shell.R_factor_all                     ? 
_refine_ls_shell.R_factor_R_work                  0.2240 
_refine_ls_shell.R_factor_R_free                  0.4430 
_refine_ls_shell.percent_reflns_R_free            ? 
_refine_ls_shell.number_reflns_R_free             3 
_refine_ls_shell.R_factor_R_free_error            ? 
_refine_ls_shell.number_reflns_all                74 
_refine_ls_shell.number_reflns_obs                ? 
_refine_ls_shell.redundancy_reflns_obs            ? 
_refine_ls_shell.pdbx_refine_id                   'X-RAY DIFFRACTION' 
# 
_struct.entry_id                  3Q9G 
_struct.title                     
;VQIVY segment from Alzheimer's tau displayed on 42-membered macrocycle scaffold
;
_struct.pdbx_model_details        ? 
_struct.pdbx_CASP_flag            ? 
_struct.pdbx_model_type_details   ? 
# 
_struct_keywords.entry_id        3Q9G 
_struct_keywords.text            'beta sheet tetramer, beta strand, PROTEIN FIBRIL' 
_struct_keywords.pdbx_keywords   'PROTEIN FIBRIL' 
# 
loop_
_struct_asym.id 
_struct_asym.pdbx_blank_PDB_chainid_flag 
_struct_asym.pdbx_modified 
_struct_asym.entity_id 
_struct_asym.details 
A N N 1 ? 
B N N 2 ? 
C N N 3 ? 
D N N 4 ? 
# 
_struct_biol.id        1 
_struct_biol.details   ? 
# 
loop_
_struct_conn.id 
_struct_conn.conn_type_id 
_struct_conn.pdbx_leaving_atom_flag 
_struct_conn.pdbx_PDB_id 
_struct_conn.ptnr1_label_asym_id 
_struct_conn.ptnr1_label_comp_id 
_struct_conn.ptnr1_label_seq_id 
_struct_conn.ptnr1_label_atom_id 
_struct_conn.pdbx_ptnr1_label_alt_id 
_struct_conn.pdbx_ptnr1_PDB_ins_code 
_struct_conn.pdbx_ptnr1_standard_comp_id 
_struct_conn.ptnr1_symmetry 
_struct_conn.ptnr2_label_asym_id 
_struct_conn.ptnr2_label_comp_id 
_struct_conn.ptnr2_label_seq_id 
_struct_conn.ptnr2_label_atom_id 
_struct_conn.pdbx_ptnr2_label_alt_id 
_struct_conn.pdbx_ptnr2_PDB_ins_code 
_struct_conn.ptnr1_auth_asym_id 
_struct_conn.ptnr1_auth_comp_id 
_struct_conn.ptnr1_auth_seq_id 
_struct_conn.ptnr2_auth_asym_id 
_struct_conn.ptnr2_auth_comp_id 
_struct_conn.ptnr2_auth_seq_id 
_struct_conn.ptnr2_symmetry 
_struct_conn.pdbx_ptnr3_label_atom_id 
_struct_conn.pdbx_ptnr3_label_seq_id 
_struct_conn.pdbx_ptnr3_label_comp_id 
_struct_conn.pdbx_ptnr3_label_asym_id 
_struct_conn.pdbx_ptnr3_label_alt_id 
_struct_conn.pdbx_ptnr3_PDB_ins_code 
_struct_conn.details 
_struct_conn.pdbx_dist_value 
_struct_conn.pdbx_value_order 
_struct_conn.pdbx_role 
covale1 covale both ? A VAL 1 N ? ? ? 1_555 A ORN 10 C  ? ? A VAL 1 A ORN 10 1_555 ? ? ? ? ? ? ? 1.273 ? ? 
covale2 covale both ? A VAL 4 C ? ? ? 1_555 A 4BF 5  N  ? ? A VAL 4 A 4BF 5  1_555 ? ? ? ? ? ? ? 1.321 ? ? 
covale3 covale both ? A 4BF 5 C ? ? ? 1_555 A ORN 6  NE ? ? A 4BF 5 A ORN 6  1_555 ? ? ? ? ? ? ? 1.268 ? ? 
covale4 covale both ? A ORN 6 C ? ? ? 1_555 A HAO 7  N  ? ? A ORN 6 A HAO 7  1_555 ? ? ? ? ? ? ? 1.353 ? ? 
covale5 covale both ? A HAO 7 C ? ? ? 1_555 A LYS 8  N  ? ? A HAO 7 A LYS 8  1_555 ? ? ? ? ? ? ? 1.248 ? ? 
covale6 covale both ? A LEU 9 C ? ? ? 1_555 A ORN 10 NE ? ? A LEU 9 A ORN 10 1_555 ? ? ? ? ? ? ? 1.278 ? ? 
# 
_struct_conn_type.id          covale 
_struct_conn_type.criteria    ? 
_struct_conn_type.reference   ? 
# 
loop_
_struct_site.id 
_struct_site.pdbx_evidence_code 
_struct_site.pdbx_auth_asym_id 
_struct_site.pdbx_auth_comp_id 
_struct_site.pdbx_auth_seq_id 
_struct_site.pdbx_auth_ins_code 
_struct_site.pdbx_num_residues 
_struct_site.details 
AC1 Software A GOL 11 ? 4 'BINDING SITE FOR RESIDUE GOL A 11' 
AC2 Software A ACY 12 ? 4 'BINDING SITE FOR RESIDUE ACY A 12' 
# 
loop_
_struct_site_gen.id 
_struct_site_gen.site_id 
_struct_site_gen.pdbx_num_res 
_struct_site_gen.label_comp_id 
_struct_site_gen.label_asym_id 
_struct_site_gen.label_seq_id 
_struct_site_gen.pdbx_auth_ins_code 
_struct_site_gen.auth_comp_id 
_struct_site_gen.auth_asym_id 
_struct_site_gen.auth_seq_id 
_struct_site_gen.label_atom_id 
_struct_site_gen.label_alt_id 
_struct_site_gen.symmetry 
_struct_site_gen.details 
1 AC1 4 GLN A 2  ? GLN A 2  . ? 1_555 ? 
2 AC1 4 VAL A 4  ? VAL A 4  . ? 1_555 ? 
3 AC1 4 HAO A 7  ? HAO A 7  . ? 5_655 ? 
4 AC1 4 LEU A 9  ? LEU A 9  . ? 3_535 ? 
5 AC2 4 LYS A 8  ? LYS A 8  . ? 5_655 ? 
6 AC2 4 LYS A 8  ? LYS A 8  . ? 3_535 ? 
7 AC2 4 ORN A 10 ? ORN A 10 . ? 3_535 ? 
8 AC2 4 HOH D .  ? HOH A 15 . ? 5_655 ? 
# 
_atom_sites.entry_id                    3Q9G 
_atom_sites.fract_transf_matrix[1][1]   0.02691029 
_atom_sites.fract_transf_matrix[1][2]   0.00256262 
_atom_sites.fract_transf_matrix[1][3]   0.01396462 
_atom_sites.fract_transf_matrix[2][1]   0.00774454 
_atom_sites.fract_transf_matrix[2][2]   -0.02773150 
_atom_sites.fract_transf_matrix[2][3]   -0.00983503 
_atom_sites.fract_transf_matrix[3][1]   0.00705777 
_atom_sites.fract_transf_matrix[3][2]   0.00726745 
_atom_sites.fract_transf_matrix[3][3]   -0.01493420 
_atom_sites.fract_transf_vector[1]      0.888610 
_atom_sites.fract_transf_vector[2]      -0.605992 
_atom_sites.fract_transf_vector[3]      0.337494 
# 
loop_
_atom_type.symbol 
BR 
C  
N  
O  
# 
loop_
_atom_site.group_PDB 
_atom_site.id 
_atom_site.type_symbol 
_atom_site.label_atom_id 
_atom_site.label_alt_id 
_atom_site.label_comp_id 
_atom_site.label_asym_id 
_atom_site.label_entity_id 
_atom_site.label_seq_id 
_atom_site.pdbx_PDB_ins_code 
_atom_site.Cartn_x 
_atom_site.Cartn_y 
_atom_site.Cartn_z 
_atom_site.occupancy 
_atom_site.B_iso_or_equiv 
_atom_site.pdbx_formal_charge 
_atom_site.auth_seq_id 
_atom_site.auth_comp_id 
_atom_site.auth_asym_id 
_atom_site.auth_atom_id 
_atom_site.pdbx_PDB_model_num 
ATOM   1   N  N   . VAL A 1 1  ? -0.243 5.819   3.902   1.00 14.51 ? 1  VAL A N   1 
ATOM   2   C  CA  . VAL A 1 1  ? 0.991  5.129   3.423   1.00 13.41 ? 1  VAL A CA  1 
ATOM   3   C  C   . VAL A 1 1  ? 0.681  4.197   2.246   1.00 12.93 ? 1  VAL A C   1 
ATOM   4   O  O   . VAL A 1 1  ? -0.332 3.475   2.265   1.00 12.10 ? 1  VAL A O   1 
ATOM   5   C  CB  . VAL A 1 1  ? 1.685  4.319   4.558   1.00 13.14 ? 1  VAL A CB  1 
ATOM   6   C  CG1 . VAL A 1 1  ? 2.258  5.252   5.621   1.00 13.03 ? 1  VAL A CG1 1 
ATOM   7   C  CG2 . VAL A 1 1  ? 0.716  3.292   5.175   1.00 14.16 ? 1  VAL A CG2 1 
ATOM   8   N  N   . GLN A 1 2  ? 1.550  4.229   1.227   1.00 12.19 ? 2  GLN A N   1 
ATOM   9   C  CA  . GLN A 1 2  ? 1.504  3.264   0.133   1.00 12.15 ? 2  GLN A CA  1 
ATOM   10  C  C   . GLN A 1 2  ? 1.803  1.850   0.626   1.00 12.45 ? 2  GLN A C   1 
ATOM   11  O  O   . GLN A 1 2  ? 2.724  1.643   1.417   1.00 12.58 ? 2  GLN A O   1 
ATOM   12  C  CB  . GLN A 1 2  ? 2.472  3.655   -0.985  1.00 12.26 ? 2  GLN A CB  1 
ATOM   13  C  CG  . GLN A 1 2  ? 2.430  2.734   -2.222  1.00 14.16 ? 2  GLN A CG  1 
ATOM   14  C  CD  . GLN A 1 2  ? 1.037  2.732   -2.962  1.00 19.54 ? 2  GLN A CD  1 
ATOM   15  O  OE1 . GLN A 1 2  ? 0.457  3.803   -3.237  1.00 18.93 ? 2  GLN A OE1 1 
ATOM   16  N  NE2 . GLN A 1 2  ? 0.529  1.506   -3.313  1.00 15.57 ? 2  GLN A NE2 1 
ATOM   17  N  N   . ILE A 1 3  ? 0.974  0.894   0.196   1.00 12.10 ? 3  ILE A N   1 
ATOM   18  C  CA  . ILE A 1 3  ? 1.139  -0.529  0.536   1.00 12.79 ? 3  ILE A CA  1 
ATOM   19  C  C   . ILE A 1 3  ? 1.390  -1.337  -0.742  1.00 12.00 ? 3  ILE A C   1 
ATOM   20  O  O   . ILE A 1 3  ? 0.629  -1.246  -1.714  1.00 11.84 ? 3  ILE A O   1 
ATOM   21  C  CB  . ILE A 1 3  ? -0.131 -1.122  1.243   1.00 12.93 ? 3  ILE A CB  1 
ATOM   22  C  CG1 . ILE A 1 3  ? -0.506 -0.321  2.501   1.00 13.25 ? 3  ILE A CG1 1 
ATOM   23  C  CG2 . ILE A 1 3  ? 0.075  -2.615  1.585   1.00 13.87 ? 3  ILE A CG2 1 
ATOM   24  C  CD1 . ILE A 1 3  ? 0.349  -0.599  3.668   1.00 14.08 ? 3  ILE A CD1 1 
ATOM   25  N  N   . VAL A 1 4  ? 2.484  -2.092  -0.743  1.00 12.18 ? 4  VAL A N   1 
ATOM   26  C  CA  . VAL A 1 4  ? 2.724  -3.101  -1.757  1.00 11.11 ? 4  VAL A CA  1 
ATOM   27  C  C   . VAL A 1 4  ? 2.970  -4.384  -1.039  1.00 11.72 ? 4  VAL A C   1 
ATOM   28  O  O   . VAL A 1 4  ? 3.680  -4.415  -0.045  1.00 12.12 ? 4  VAL A O   1 
ATOM   29  C  CB  . VAL A 1 4  ? 3.952  -2.767  -2.647  1.00 11.07 ? 4  VAL A CB  1 
ATOM   30  C  CG1 . VAL A 1 4  ? 4.221  -3.922  -3.673  1.00 10.47 ? 4  VAL A CG1 1 
ATOM   31  C  CG2 . VAL A 1 4  ? 3.754  -1.422  -3.376  1.00 9.60  ? 4  VAL A CG2 1 
HETATM 32  C  CD1 . 4BF A 1 5  ? 2.109  -8.265  2.000   1.00 13.96 ? 5  4BF A CD1 1 
HETATM 33  C  CE1 . 4BF A 1 5  ? 2.289  -9.431  2.720   1.00 12.83 ? 5  4BF A CE1 1 
HETATM 34  C  CZ  . 4BF A 1 5  ? 1.805  -10.619 2.230   1.00 17.59 ? 5  4BF A CZ  1 
HETATM 35  BR BR  . 4BF A 1 5  ? 2.140  -12.160 3.292   1.00 27.64 ? 5  4BF A BR  1 
HETATM 36  C  CE2 . 4BF A 1 5  ? 1.173  -10.674 1.019   1.00 13.80 ? 5  4BF A CE2 1 
HETATM 37  C  CD2 . 4BF A 1 5  ? 1.012  -9.525  0.286   1.00 15.08 ? 5  4BF A CD2 1 
HETATM 38  C  CG  . 4BF A 1 5  ? 1.461  -8.292  0.778   1.00 12.90 ? 5  4BF A CG  1 
HETATM 39  C  CB  . 4BF A 1 5  ? 1.302  -7.042  -0.030  1.00 11.58 ? 5  4BF A CB  1 
HETATM 40  C  CA  . 4BF A 1 5  ? 2.505  -6.730  -0.908  1.00 11.71 ? 5  4BF A CA  1 
HETATM 41  N  N   . 4BF A 1 5  ? 2.348  -5.447  -1.517  1.00 11.84 ? 5  4BF A N   1 
HETATM 42  C  C   . 4BF A 1 5  ? 2.636  -7.776  -1.981  1.00 11.71 ? 5  4BF A C   1 
HETATM 43  O  O   . 4BF A 1 5  ? 1.630  -8.222  -2.530  1.00 12.25 ? 5  4BF A O   1 
HETATM 44  N  N   . ORN A 1 6  ? 2.058  -8.610  -7.039  1.00 10.65 ? 6  ORN A N   1 
HETATM 45  C  CA  . ORN A 1 6  ? 1.858  -8.050  -5.741  1.00 8.68  ? 6  ORN A CA  1 
HETATM 46  C  CB  . ORN A 1 6  ? 3.118  -7.271  -5.362  1.00 9.44  ? 6  ORN A CB  1 
HETATM 47  C  CG  . ORN A 1 6  ? 4.296  -8.208  -5.008  1.00 10.05 ? 6  ORN A CG  1 
HETATM 48  C  CD  . ORN A 1 6  ? 4.059  -9.017  -3.714  1.00 10.34 ? 6  ORN A CD  1 
HETATM 49  N  NE  . ORN A 1 6  ? 3.681  -8.132  -2.606  1.00 11.24 ? 6  ORN A NE  1 
HETATM 50  C  C   . ORN A 1 6  ? 0.660  -7.141  -5.798  1.00 7.55  ? 6  ORN A C   1 
HETATM 51  O  O   . ORN A 1 6  ? 0.257  -6.730  -6.870  0.50 2.00  ? 6  ORN A O   1 
HETATM 52  N  N   . HAO A 1 7  ? -0.009 -7.010  -4.630  1.00 8.96  ? 7  HAO A N   1 
HETATM 53  N  N9  . HAO A 1 7  ? -0.930 -6.168  -4.477  1.00 11.38 ? 7  HAO A N9  1 
HETATM 54  C  C10 . HAO A 1 7  ? -0.785 -5.023  -3.772  1.00 10.02 ? 7  HAO A C10 1 
HETATM 55  O  O11 . HAO A 1 7  ? 0.270  -4.700  -3.233  1.00 9.55  ? 7  HAO A O11 1 
HETATM 56  C  CA  . HAO A 1 7  ? -1.970 -4.101  -3.575  1.00 10.76 ? 7  HAO A CA  1 
HETATM 57  C  C13 . HAO A 1 7  ? -1.719 -2.853  -3.001  1.00 10.34 ? 7  HAO A C13 1 
HETATM 58  C  C14 . HAO A 1 7  ? -3.291 -4.456  -3.928  1.00 10.17 ? 7  HAO A C14 1 
HETATM 59  C  C15 . HAO A 1 7  ? -4.961 -6.082  -4.700  1.00 10.17 ? 7  HAO A C15 1 
HETATM 60  O  O15 . HAO A 1 7  ? -3.585 -5.684  -4.485  1.00 11.86 ? 7  HAO A O15 1 
HETATM 61  C  C17 . HAO A 1 7  ? -4.338 -3.561  -3.690  1.00 10.84 ? 7  HAO A C17 1 
HETATM 62  C  C18 . HAO A 1 7  ? -4.070 -2.307  -3.122  1.00 12.06 ? 7  HAO A C18 1 
HETATM 63  C  C19 . HAO A 1 7  ? -2.755 -1.949  -2.790  1.00 9.32  ? 7  HAO A C19 1 
HETATM 64  N  N20 . HAO A 1 7  ? -2.447 -0.723  -2.191  1.00 9.22  ? 7  HAO A N20 1 
HETATM 65  C  C21 . HAO A 1 7  ? -3.307 0.308   -2.019  1.00 12.12 ? 7  HAO A C21 1 
HETATM 66  O  O22 . HAO A 1 7  ? -4.484 0.342   -2.387  1.00 9.46  ? 7  HAO A O22 1 
HETATM 67  C  C   . HAO A 1 7  ? -2.722 1.475   -1.352  1.00 11.88 ? 7  HAO A C   1 
HETATM 68  O  O   . HAO A 1 7  ? -1.628 1.360   -0.847  1.00 13.21 ? 7  HAO A O   1 
ATOM   69  N  N   . LYS A 1 8  ? -3.476 2.361   -0.901  1.00 12.46 ? 8  LYS A N   1 
ATOM   70  C  CA  . LYS A 1 8  ? -3.028 3.430   -0.013  1.00 13.52 ? 8  LYS A CA  1 
ATOM   71  C  C   . LYS A 1 8  ? -3.843 3.407   1.262   1.00 12.89 ? 8  LYS A C   1 
ATOM   72  O  O   . LYS A 1 8  ? -5.061 3.572   1.223   1.00 13.54 ? 8  LYS A O   1 
ATOM   73  C  CB  . LYS A 1 8  ? -3.176 4.770   -0.712  1.00 14.38 ? 8  LYS A CB  1 
ATOM   74  C  CG  . LYS A 1 8  ? -2.614 5.927   0.066   1.00 19.37 ? 8  LYS A CG  1 
ATOM   75  C  CD  . LYS A 1 8  ? -2.094 6.983   -0.853  1.00 27.68 ? 8  LYS A CD  1 
ATOM   76  C  CE  . LYS A 1 8  ? -0.596 7.042   -0.798  1.00 32.17 ? 8  LYS A CE  1 
ATOM   77  N  NZ  . LYS A 1 8  ? -0.078 7.953   -1.863  1.00 36.90 ? 8  LYS A NZ  1 
ATOM   78  N  N   . LEU A 1 9  ? -3.172 3.181   2.394   1.00 12.71 ? 9  LEU A N   1 
ATOM   79  C  CA  . LEU A 1 9  ? -3.854 3.039   3.704   1.00 12.66 ? 9  LEU A CA  1 
ATOM   80  C  C   . LEU A 1 9  ? -3.832 4.361   4.483   1.00 12.72 ? 9  LEU A C   1 
ATOM   81  O  O   . LEU A 1 9  ? -2.806 4.725   5.081   1.00 11.84 ? 9  LEU A O   1 
ATOM   82  C  CB  . LEU A 1 9  ? -3.208 1.912   4.546   1.00 12.47 ? 9  LEU A CB  1 
ATOM   83  C  CG  . LEU A 1 9  ? -3.664 1.753   6.020   1.00 12.32 ? 9  LEU A CG  1 
ATOM   84  C  CD1 . LEU A 1 9  ? -5.144 1.419   6.095   1.00 12.44 ? 9  LEU A CD1 1 
ATOM   85  C  CD2 . LEU A 1 9  ? -2.826 0.691   6.750   1.00 10.18 ? 9  LEU A CD2 1 
HETATM 86  N  N   . ORN A 1 10 ? -1.649 9.049   4.529   1.00 18.00 ? 10 ORN A N   1 
HETATM 87  C  CA  . ORN A 1 10 ? -1.868 7.649   4.199   1.00 17.65 ? 10 ORN A CA  1 
HETATM 88  C  CB  . ORN A 1 10 ? -2.961 7.517   3.150   1.00 13.94 ? 10 ORN A CB  1 
HETATM 89  C  CG  . ORN A 1 10 ? -4.362 7.624   3.762   1.00 12.81 ? 10 ORN A CG  1 
HETATM 90  C  CD  . ORN A 1 10 ? -4.592 6.661   4.913   1.00 13.05 ? 10 ORN A CD  1 
HETATM 91  N  NE  . ORN A 1 10 ? -4.694 5.300   4.398   1.00 12.93 ? 10 ORN A NE  1 
HETATM 92  C  C   . ORN A 1 10 ? -0.579 7.028   3.686   1.00 17.33 ? 10 ORN A C   1 
HETATM 93  O  O   . ORN A 1 10 ? 0.345  7.746   3.318   1.00 22.51 ? 10 ORN A O   1 
HETATM 94  C  C1  . GOL B 2 .  ? 2.487  1.902   -7.229  1.00 38.50 ? 11 GOL A C1  1 
HETATM 95  O  O1  . GOL B 2 .  ? 2.642  2.157   -5.850  1.00 39.86 ? 11 GOL A O1  1 
HETATM 96  C  C2  . GOL B 2 .  ? 2.363  0.405   -7.481  1.00 38.97 ? 11 GOL A C2  1 
HETATM 97  O  O2  . GOL B 2 .  ? 3.365  -0.285  -6.762  1.00 38.61 ? 11 GOL A O2  1 
HETATM 98  C  C3  . GOL B 2 .  ? 2.629  0.140   -8.933  1.00 39.19 ? 11 GOL A C3  1 
HETATM 99  O  O3  . GOL B 2 .  ? 3.998  0.421   -9.141  1.00 41.36 ? 11 GOL A O3  1 
HETATM 100 C  C   . ACY C 3 .  ? 0.507  7.425   -6.047  1.00 62.60 ? 12 ACY A C   1 
HETATM 101 O  O   . ACY C 3 .  ? -0.597 7.248   -5.487  1.00 62.66 ? 12 ACY A O   1 
HETATM 102 O  OXT . ACY C 3 .  ? 1.610  7.203   -5.488  1.00 63.05 ? 12 ACY A OXT 1 
HETATM 103 C  CH3 . ACY C 3 .  ? 0.513  7.947   -7.457  1.00 61.80 ? 12 ACY A CH3 1 
HETATM 104 O  O   . HOH D 4 .  ? -0.227 -10.403 -7.505  0.50 10.54 ? 13 HOH A O   1 
HETATM 105 O  O   . HOH D 4 .  ? 4.256  7.770   3.645   1.00 38.92 ? 14 HOH A O   1 
HETATM 106 O  O   . HOH D 4 .  ? -6.719 2.723   -1.207  1.00 24.72 ? 15 HOH A O   1 
HETATM 107 O  O   . HOH D 4 .  ? 3.313  6.543   1.044   1.00 10.73 ? 16 HOH A O   1 
HETATM 108 O  O   . HOH D 4 .  ? 2.894  -6.556  -9.281  1.00 28.00 ? 17 HOH A O   1 
HETATM 109 O  O   . HOH D 4 .  ? 4.470  -10.446 -7.757  1.00 31.74 ? 18 HOH A O   1 
HETATM 110 O  O   . HOH D 4 .  ? 0.674  9.295   6.580   1.00 30.99 ? 19 HOH A O   1 
HETATM 111 O  O   . HOH D 4 .  ? 0.846  -6.536  -10.833 1.00 30.08 ? 20 HOH A O   1 
HETATM 112 O  O   . HOH D 4 .  ? -0.483 -8.807  -11.789 1.00 33.59 ? 21 HOH A O   1 
HETATM 113 O  O   . HOH D 4 .  ? -3.714 9.724   6.453   1.00 28.90 ? 22 HOH A O   1 
HETATM 114 O  O   . HOH D 4 .  ? 5.019  6.320   -1.097  1.00 24.64 ? 23 HOH A O   1 
HETATM 115 O  O   . HOH D 4 .  ? 5.616  4.012   -2.239  1.00 35.41 ? 24 HOH A O   1 
# 
loop_
_pdbx_poly_seq_scheme.asym_id 
_pdbx_poly_seq_scheme.entity_id 
_pdbx_poly_seq_scheme.seq_id 
_pdbx_poly_seq_scheme.mon_id 
_pdbx_poly_seq_scheme.ndb_seq_num 
_pdbx_poly_seq_scheme.pdb_seq_num 
_pdbx_poly_seq_scheme.auth_seq_num 
_pdbx_poly_seq_scheme.pdb_mon_id 
_pdbx_poly_seq_scheme.auth_mon_id 
_pdbx_poly_seq_scheme.pdb_strand_id 
_pdbx_poly_seq_scheme.pdb_ins_code 
_pdbx_poly_seq_scheme.hetero 
A 1 1  VAL 1  1  1  VAL VAL A . n 
A 1 2  GLN 2  2  2  GLN GLN A . n 
A 1 3  ILE 3  3  3  ILE ILE A . n 
A 1 4  VAL 4  4  4  VAL VAL A . n 
A 1 5  4BF 5  5  5  4BF 4BF A . n 
A 1 6  ORN 6  6  6  ORN ORN A . n 
A 1 7  HAO 7  7  7  HAO HAO A . n 
A 1 8  LYS 8  8  8  LYS LYS A . n 
A 1 9  LEU 9  9  9  LEU LEU A . n 
A 1 10 ORN 10 10 10 ORN ORN A . n 
# 
loop_
_pdbx_nonpoly_scheme.asym_id 
_pdbx_nonpoly_scheme.entity_id 
_pdbx_nonpoly_scheme.mon_id 
_pdbx_nonpoly_scheme.ndb_seq_num 
_pdbx_nonpoly_scheme.pdb_seq_num 
_pdbx_nonpoly_scheme.auth_seq_num 
_pdbx_nonpoly_scheme.pdb_mon_id 
_pdbx_nonpoly_scheme.auth_mon_id 
_pdbx_nonpoly_scheme.pdb_strand_id 
_pdbx_nonpoly_scheme.pdb_ins_code 
B 2 GOL 1  11 1  GOL GOL A . 
C 3 ACY 1  12 1  ACY ACY A . 
D 4 HOH 1  13 13 HOH HOH A . 
D 4 HOH 2  14 14 HOH HOH A . 
D 4 HOH 3  15 1  HOH HOH A . 
D 4 HOH 4  16 2  HOH HOH A . 
D 4 HOH 5  17 5  HOH HOH A . 
D 4 HOH 6  18 6  HOH HOH A . 
D 4 HOH 7  19 7  HOH HOH A . 
D 4 HOH 8  20 8  HOH HOH A . 
D 4 HOH 9  21 9  HOH HOH A . 
D 4 HOH 10 22 10 HOH HOH A . 
D 4 HOH 11 23 11 HOH HOH A . 
D 4 HOH 12 24 12 HOH HOH A . 
# 
loop_
_pdbx_struct_mod_residue.id 
_pdbx_struct_mod_residue.label_asym_id 
_pdbx_struct_mod_residue.label_comp_id 
_pdbx_struct_mod_residue.label_seq_id 
_pdbx_struct_mod_residue.auth_asym_id 
_pdbx_struct_mod_residue.auth_comp_id 
_pdbx_struct_mod_residue.auth_seq_id 
_pdbx_struct_mod_residue.PDB_ins_code 
_pdbx_struct_mod_residue.parent_comp_id 
_pdbx_struct_mod_residue.details 
1 A 4BF 5  A 4BF 5  ? TYR 4-BROMO-L-PHENYLALANINE 
2 A ORN 6  A ORN 6  ? ALA L-ORNITHINE             
3 A ORN 10 A ORN 10 ? ALA L-ORNITHINE             
# 
_pdbx_struct_assembly.id                   1 
_pdbx_struct_assembly.details              author_and_software_defined_assembly 
_pdbx_struct_assembly.method_details       PISA 
_pdbx_struct_assembly.oligomeric_details   tetrameric 
_pdbx_struct_assembly.oligomeric_count     4 
# 
_pdbx_struct_assembly_gen.assembly_id       1 
_pdbx_struct_assembly_gen.oper_expression   1,2,3,4 
_pdbx_struct_assembly_gen.asym_id_list      A,B,C,D 
# 
loop_
_pdbx_struct_assembly_prop.biol_id 
_pdbx_struct_assembly_prop.type 
_pdbx_struct_assembly_prop.value 
_pdbx_struct_assembly_prop.details 
1 'ABSA (A^2)' 3470 ? 
1 MORE         -30  ? 
1 'SSA (A^2)'  3400 ? 
# 
loop_
_pdbx_struct_oper_list.id 
_pdbx_struct_oper_list.type 
_pdbx_struct_oper_list.name 
_pdbx_struct_oper_list.symmetry_operation 
_pdbx_struct_oper_list.matrix[1][1] 
_pdbx_struct_oper_list.matrix[1][2] 
_pdbx_struct_oper_list.matrix[1][3] 
_pdbx_struct_oper_list.vector[1] 
_pdbx_struct_oper_list.matrix[2][1] 
_pdbx_struct_oper_list.matrix[2][2] 
_pdbx_struct_oper_list.matrix[2][3] 
_pdbx_struct_oper_list.vector[2] 
_pdbx_struct_oper_list.matrix[3][1] 
_pdbx_struct_oper_list.matrix[3][2] 
_pdbx_struct_oper_list.matrix[3][3] 
_pdbx_struct_oper_list.vector[3] 
1 'identity operation'         1_555  x,y,z                1.0000000000  0.0000000000  0.0000000000  0.0000000000  0.0000000000  1.0000000000  0.0000000000  0.0000000000  0.0000000000  0.0000000000  1.0000000000  0.0000000000 
2 'crystal symmetry operation' 7_635  y+3/2,x-3/2,-z+1/2   0.2972922229  -0.9421885662 0.1545899088  -3.6804765796 -0.9421885662 -0.3157137007 -0.1122745068 -3.7280503482 0.1545899088  -0.1122745068 -0.9815785222 8.1643571724 
3 'crystal symmetry operation' 10_745 -x+2,-y-1,z          -0.6940836434 0.3150050825  -0.6473173055 8.2499616019  0.3150050825  -0.6756361670 -0.6665489988 -5.7330643616 -0.6473173055 -0.6665489988 0.3697198104  1.1089673904 
4 'crystal symmetry operation' 16_555 -y+1/2,-x+1/2,-z+1/2 -0.6032085795 0.6271834837  0.4927273967  4.3452357024  0.6271834837  -0.0086501323 0.7788235057  -9.8155716422 0.4927273967  0.7788235057  -0.3881412882 8.9948563856 
# 
_pdbx_struct_special_symmetry.id              1 
_pdbx_struct_special_symmetry.PDB_model_num   1 
_pdbx_struct_special_symmetry.auth_asym_id    A 
_pdbx_struct_special_symmetry.auth_comp_id    HOH 
_pdbx_struct_special_symmetry.auth_seq_id     13 
_pdbx_struct_special_symmetry.PDB_ins_code    ? 
_pdbx_struct_special_symmetry.label_asym_id   D 
_pdbx_struct_special_symmetry.label_comp_id   HOH 
_pdbx_struct_special_symmetry.label_seq_id    . 
# 
loop_
_pdbx_audit_revision_history.ordinal 
_pdbx_audit_revision_history.data_content_type 
_pdbx_audit_revision_history.major_revision 
_pdbx_audit_revision_history.minor_revision 
_pdbx_audit_revision_history.revision_date 
1 'Structure model' 1 0 2011-06-08 
2 'Structure model' 1 1 2011-07-13 
3 'Structure model' 2 0 2023-11-15 
# 
_pdbx_audit_revision_details.ordinal             1 
_pdbx_audit_revision_details.revision_ordinal    1 
_pdbx_audit_revision_details.data_content_type   'Structure model' 
_pdbx_audit_revision_details.provider            repository 
_pdbx_audit_revision_details.type                'Initial release' 
_pdbx_audit_revision_details.description         ? 
_pdbx_audit_revision_details.details             ? 
# 
loop_
_pdbx_audit_revision_group.ordinal 
_pdbx_audit_revision_group.revision_ordinal 
_pdbx_audit_revision_group.data_content_type 
_pdbx_audit_revision_group.group 
1 2 'Structure model' 'Version format compliance' 
2 3 'Structure model' Advisory                    
3 3 'Structure model' 'Atomic model'              
4 3 'Structure model' 'Data collection'           
5 3 'Structure model' 'Database references'       
6 3 'Structure model' 'Derived calculations'      
# 
loop_
_pdbx_audit_revision_category.ordinal 
_pdbx_audit_revision_category.revision_ordinal 
_pdbx_audit_revision_category.data_content_type 
_pdbx_audit_revision_category.category 
1 3 'Structure model' atom_site                      
2 3 'Structure model' chem_comp_atom                 
3 3 'Structure model' chem_comp_bond                 
4 3 'Structure model' database_2                     
5 3 'Structure model' pdbx_validate_main_chain_plane 
6 3 'Structure model' pdbx_validate_polymer_linkage  
7 3 'Structure model' pdbx_validate_rmsd_angle       
8 3 'Structure model' struct_conn                    
9 3 'Structure model' struct_site                    
# 
loop_
_pdbx_audit_revision_item.ordinal 
_pdbx_audit_revision_item.revision_ordinal 
_pdbx_audit_revision_item.data_content_type 
_pdbx_audit_revision_item.item 
1  3 'Structure model' '_atom_site.auth_atom_id'             
2  3 'Structure model' '_atom_site.label_atom_id'            
3  3 'Structure model' '_database_2.pdbx_DOI'                
4  3 'Structure model' '_database_2.pdbx_database_accession' 
5  3 'Structure model' '_struct_conn.pdbx_dist_value'        
6  3 'Structure model' '_struct_conn.pdbx_leaving_atom_flag' 
7  3 'Structure model' '_struct_conn.ptnr1_auth_comp_id'     
8  3 'Structure model' '_struct_conn.ptnr1_auth_seq_id'      
9  3 'Structure model' '_struct_conn.ptnr1_label_atom_id'    
10 3 'Structure model' '_struct_conn.ptnr1_label_comp_id'    
11 3 'Structure model' '_struct_conn.ptnr1_label_seq_id'     
12 3 'Structure model' '_struct_conn.ptnr2_auth_comp_id'     
13 3 'Structure model' '_struct_conn.ptnr2_auth_seq_id'      
14 3 'Structure model' '_struct_conn.ptnr2_label_atom_id'    
15 3 'Structure model' '_struct_conn.ptnr2_label_comp_id'    
16 3 'Structure model' '_struct_conn.ptnr2_label_seq_id'     
17 3 'Structure model' '_struct_site.pdbx_auth_asym_id'      
18 3 'Structure model' '_struct_site.pdbx_auth_comp_id'      
19 3 'Structure model' '_struct_site.pdbx_auth_seq_id'       
# 
_pdbx_refine_tls.pdbx_refine_id   'X-RAY DIFFRACTION' 
_pdbx_refine_tls.id               1 
_pdbx_refine_tls.details          ? 
_pdbx_refine_tls.method           refined 
_pdbx_refine_tls.origin_x         -0.1143 
_pdbx_refine_tls.origin_y         -0.3993 
_pdbx_refine_tls.origin_z         -0.3924 
_pdbx_refine_tls.T[1][1]          0.0332 
_pdbx_refine_tls.T[2][2]          0.0117 
_pdbx_refine_tls.T[3][3]          0.0403 
_pdbx_refine_tls.T[1][2]          0.0188 
_pdbx_refine_tls.T[1][3]          -0.0189 
_pdbx_refine_tls.T[2][3]          -0.0011 
_pdbx_refine_tls.L[1][1]          1.2896 
_pdbx_refine_tls.L[2][2]          -0.6743 
_pdbx_refine_tls.L[3][3]          0.8836 
_pdbx_refine_tls.L[1][2]          -0.5216 
_pdbx_refine_tls.L[1][3]          -1.0049 
_pdbx_refine_tls.L[2][3]          -0.0886 
_pdbx_refine_tls.S[1][1]          0.0216 
_pdbx_refine_tls.S[2][2]          -0.0140 
_pdbx_refine_tls.S[3][3]          -0.0077 
_pdbx_refine_tls.S[1][2]          0.0185 
_pdbx_refine_tls.S[1][3]          0.0634 
_pdbx_refine_tls.S[2][3]          -0.1027 
_pdbx_refine_tls.S[2][1]          0.0508 
_pdbx_refine_tls.S[3][1]          -0.0151 
_pdbx_refine_tls.S[3][2]          -0.0078 
# 
_pdbx_refine_tls_group.pdbx_refine_id      'X-RAY DIFFRACTION' 
_pdbx_refine_tls_group.id                  1 
_pdbx_refine_tls_group.refine_tls_id       1 
_pdbx_refine_tls_group.beg_auth_asym_id    A 
_pdbx_refine_tls_group.beg_auth_seq_id     1 
_pdbx_refine_tls_group.end_auth_asym_id    A 
_pdbx_refine_tls_group.end_auth_seq_id     9 
_pdbx_refine_tls_group.selection_details   ? 
_pdbx_refine_tls_group.beg_label_asym_id   . 
_pdbx_refine_tls_group.beg_label_seq_id    . 
_pdbx_refine_tls_group.end_label_asym_id   . 
_pdbx_refine_tls_group.end_label_seq_id    . 
_pdbx_refine_tls_group.selection           ? 
# 
loop_
_software.pdbx_ordinal 
_software.name 
_software.version 
_software.date 
_software.type 
_software.contact_author 
_software.contact_author_email 
_software.classification 
_software.location 
_software.language 
_software.citation_id 
1 SCALEPACK    .        ?               program 'Zbyszek Otwinowski' hkl@hkl-xray.com         'data scaling'    
http://www.hkl-xray.com/                     ?          ? 
2 REFMAC       5.5.0109 ?               program 'Garib N. Murshudov' garib@ysbl.york.ac.uk    refinement        
http://www.ccp4.ac.uk/dist/html/refmac5.html Fortran_77 ? 
3 PDB_EXTRACT  3.10     'June 10, 2010' package PDB                  deposit@deposit.rcsb.org 'data extraction' 
http://sw-tools.pdb.org/apps/PDB_EXTRACT/    C++        ? 
4 CrystalClear .        ?               ?       ?                    ?                        'data collection' ? ?          ? 
5 DENZO        .        ?               ?       ?                    ?                        'data reduction'  ? ?          ? 
6 SHELXE       .        ?               ?       ?                    ?                        'model building'  ? ?          ? 
# 
_pdbx_validate_close_contact.id               1 
_pdbx_validate_close_contact.PDB_model_num    1 
_pdbx_validate_close_contact.auth_atom_id_1   N 
_pdbx_validate_close_contact.auth_asym_id_1   A 
_pdbx_validate_close_contact.auth_comp_id_1   VAL 
_pdbx_validate_close_contact.auth_seq_id_1    1 
_pdbx_validate_close_contact.PDB_ins_code_1   ? 
_pdbx_validate_close_contact.label_alt_id_1   ? 
_pdbx_validate_close_contact.auth_atom_id_2   O 
_pdbx_validate_close_contact.auth_asym_id_2   A 
_pdbx_validate_close_contact.auth_comp_id_2   ORN 
_pdbx_validate_close_contact.auth_seq_id_2    10 
_pdbx_validate_close_contact.PDB_ins_code_2   ? 
_pdbx_validate_close_contact.label_alt_id_2   ? 
_pdbx_validate_close_contact.dist             2.10 
# 
_pdbx_validate_rmsd_angle.id                         1 
_pdbx_validate_rmsd_angle.PDB_model_num              1 
_pdbx_validate_rmsd_angle.auth_atom_id_1             CA 
_pdbx_validate_rmsd_angle.auth_asym_id_1             A 
_pdbx_validate_rmsd_angle.auth_comp_id_1             HAO 
_pdbx_validate_rmsd_angle.auth_seq_id_1              7 
_pdbx_validate_rmsd_angle.PDB_ins_code_1             ? 
_pdbx_validate_rmsd_angle.label_alt_id_1             ? 
_pdbx_validate_rmsd_angle.auth_atom_id_2             C 
_pdbx_validate_rmsd_angle.auth_asym_id_2             A 
_pdbx_validate_rmsd_angle.auth_comp_id_2             HAO 
_pdbx_validate_rmsd_angle.auth_seq_id_2              7 
_pdbx_validate_rmsd_angle.PDB_ins_code_2             ? 
_pdbx_validate_rmsd_angle.label_alt_id_2             ? 
_pdbx_validate_rmsd_angle.auth_atom_id_3             N 
_pdbx_validate_rmsd_angle.auth_asym_id_3             A 
_pdbx_validate_rmsd_angle.auth_comp_id_3             LYS 
_pdbx_validate_rmsd_angle.auth_seq_id_3              8 
_pdbx_validate_rmsd_angle.PDB_ins_code_3             ? 
_pdbx_validate_rmsd_angle.label_alt_id_3             ? 
_pdbx_validate_rmsd_angle.angle_value                149.56 
_pdbx_validate_rmsd_angle.angle_target_value         117.20 
_pdbx_validate_rmsd_angle.angle_deviation            32.36 
_pdbx_validate_rmsd_angle.angle_standard_deviation   2.20 
_pdbx_validate_rmsd_angle.linker_flag                Y 
# 
_pdbx_validate_main_chain_plane.id                       1 
_pdbx_validate_main_chain_plane.PDB_model_num            1 
_pdbx_validate_main_chain_plane.auth_comp_id             HAO 
_pdbx_validate_main_chain_plane.auth_asym_id             A 
_pdbx_validate_main_chain_plane.auth_seq_id              7 
_pdbx_validate_main_chain_plane.PDB_ins_code             ? 
_pdbx_validate_main_chain_plane.label_alt_id             ? 
_pdbx_validate_main_chain_plane.improper_torsion_angle   -23.32 
# 
loop_
_chem_comp_atom.comp_id 
_chem_comp_atom.atom_id 
_chem_comp_atom.type_symbol 
_chem_comp_atom.pdbx_aromatic_flag 
_chem_comp_atom.pdbx_stereo_config 
_chem_comp_atom.pdbx_ordinal 
4BF CD1  C  Y N 1   
4BF CE1  C  Y N 2   
4BF CZ   C  Y N 3   
4BF BR   BR N N 4   
4BF CE2  C  Y N 5   
4BF CD2  C  Y N 6   
4BF CG   C  Y N 7   
4BF CB   C  N N 8   
4BF CA   C  N S 9   
4BF N    N  N N 10  
4BF C    C  N N 11  
4BF OXT  O  N N 12  
4BF O    O  N N 13  
4BF HD1  H  N N 14  
4BF HE1  H  N N 15  
4BF HE2  H  N N 16  
4BF HD2  H  N N 17  
4BF HB3  H  N N 18  
4BF HB2  H  N N 19  
4BF HA   H  N N 20  
4BF H    H  N N 21  
4BF H2   H  N N 22  
4BF HXT  H  N N 23  
ACY C    C  N N 24  
ACY O    O  N N 25  
ACY OXT  O  N N 26  
ACY CH3  C  N N 27  
ACY HXT  H  N N 28  
ACY H1   H  N N 29  
ACY H2   H  N N 30  
ACY H3   H  N N 31  
GLN N    N  N N 32  
GLN CA   C  N S 33  
GLN C    C  N N 34  
GLN O    O  N N 35  
GLN CB   C  N N 36  
GLN CG   C  N N 37  
GLN CD   C  N N 38  
GLN OE1  O  N N 39  
GLN NE2  N  N N 40  
GLN OXT  O  N N 41  
GLN H    H  N N 42  
GLN H2   H  N N 43  
GLN HA   H  N N 44  
GLN HB2  H  N N 45  
GLN HB3  H  N N 46  
GLN HG2  H  N N 47  
GLN HG3  H  N N 48  
GLN HE21 H  N N 49  
GLN HE22 H  N N 50  
GLN HXT  H  N N 51  
GOL C1   C  N N 52  
GOL O1   O  N N 53  
GOL C2   C  N N 54  
GOL O2   O  N N 55  
GOL C3   C  N N 56  
GOL O3   O  N N 57  
GOL H11  H  N N 58  
GOL H12  H  N N 59  
GOL HO1  H  N N 60  
GOL H2   H  N N 61  
GOL HO2  H  N N 62  
GOL H31  H  N N 63  
GOL H32  H  N N 64  
GOL HO3  H  N N 65  
HAO N    N  N N 66  
HAO N9   N  N N 67  
HAO C10  C  N N 68  
HAO O11  O  N N 69  
HAO CA   C  Y N 70  
HAO C13  C  Y N 71  
HAO C14  C  Y N 72  
HAO C15  C  N N 73  
HAO O15  O  N N 74  
HAO C17  C  Y N 75  
HAO C18  C  Y N 76  
HAO C19  C  Y N 77  
HAO N20  N  N N 78  
HAO C21  C  N N 79  
HAO O22  O  N N 80  
HAO C    C  N N 81  
HAO O    O  N N 82  
HAO H    H  N N 83  
HAO H13  H  N N 84  
HAO H15  H  N N 85  
HAO H15A H  N N 86  
HAO H15B H  N N 87  
HAO H17  H  N N 88  
HAO H18  H  N N 89  
HAO HN20 H  N N 90  
HAO OXT  O  N N 91  
HAO H2   H  N N 92  
HAO H10  H  N N 93  
HAO HXT  H  N N 94  
HOH O    O  N N 95  
HOH H1   H  N N 96  
HOH H2   H  N N 97  
ILE N    N  N N 98  
ILE CA   C  N S 99  
ILE C    C  N N 100 
ILE O    O  N N 101 
ILE CB   C  N S 102 
ILE CG1  C  N N 103 
ILE CG2  C  N N 104 
ILE CD1  C  N N 105 
ILE OXT  O  N N 106 
ILE H    H  N N 107 
ILE H2   H  N N 108 
ILE HA   H  N N 109 
ILE HB   H  N N 110 
ILE HG12 H  N N 111 
ILE HG13 H  N N 112 
ILE HG21 H  N N 113 
ILE HG22 H  N N 114 
ILE HG23 H  N N 115 
ILE HD11 H  N N 116 
ILE HD12 H  N N 117 
ILE HD13 H  N N 118 
ILE HXT  H  N N 119 
LEU N    N  N N 120 
LEU CA   C  N S 121 
LEU C    C  N N 122 
LEU O    O  N N 123 
LEU CB   C  N N 124 
LEU CG   C  N N 125 
LEU CD1  C  N N 126 
LEU CD2  C  N N 127 
LEU OXT  O  N N 128 
LEU H    H  N N 129 
LEU H2   H  N N 130 
LEU HA   H  N N 131 
LEU HB2  H  N N 132 
LEU HB3  H  N N 133 
LEU HG   H  N N 134 
LEU HD11 H  N N 135 
LEU HD12 H  N N 136 
LEU HD13 H  N N 137 
LEU HD21 H  N N 138 
LEU HD22 H  N N 139 
LEU HD23 H  N N 140 
LEU HXT  H  N N 141 
LYS N    N  N N 142 
LYS CA   C  N S 143 
LYS C    C  N N 144 
LYS O    O  N N 145 
LYS CB   C  N N 146 
LYS CG   C  N N 147 
LYS CD   C  N N 148 
LYS CE   C  N N 149 
LYS NZ   N  N N 150 
LYS OXT  O  N N 151 
LYS H    H  N N 152 
LYS H2   H  N N 153 
LYS HA   H  N N 154 
LYS HB2  H  N N 155 
LYS HB3  H  N N 156 
LYS HG2  H  N N 157 
LYS HG3  H  N N 158 
LYS HD2  H  N N 159 
LYS HD3  H  N N 160 
LYS HE2  H  N N 161 
LYS HE3  H  N N 162 
LYS HZ1  H  N N 163 
LYS HZ2  H  N N 164 
LYS HZ3  H  N N 165 
LYS HXT  H  N N 166 
ORN N    N  N N 167 
ORN CA   C  N S 168 
ORN CB   C  N N 169 
ORN CG   C  N N 170 
ORN CD   C  N N 171 
ORN NE   N  N N 172 
ORN C    C  N N 173 
ORN O    O  N N 174 
ORN OXT  O  N N 175 
ORN H    H  N N 176 
ORN H2   H  N N 177 
ORN HA   H  N N 178 
ORN HB2  H  N N 179 
ORN HB3  H  N N 180 
ORN HG2  H  N N 181 
ORN HG3  H  N N 182 
ORN HD2  H  N N 183 
ORN HD3  H  N N 184 
ORN HE1  H  N N 185 
ORN HE2  H  N N 186 
ORN HXT  H  N N 187 
VAL N    N  N N 188 
VAL CA   C  N S 189 
VAL C    C  N N 190 
VAL O    O  N N 191 
VAL CB   C  N N 192 
VAL CG1  C  N N 193 
VAL CG2  C  N N 194 
VAL OXT  O  N N 195 
VAL H    H  N N 196 
VAL H2   H  N N 197 
VAL HA   H  N N 198 
VAL HB   H  N N 199 
VAL HG11 H  N N 200 
VAL HG12 H  N N 201 
VAL HG13 H  N N 202 
VAL HG21 H  N N 203 
VAL HG22 H  N N 204 
VAL HG23 H  N N 205 
VAL HXT  H  N N 206 
# 
loop_
_chem_comp_bond.comp_id 
_chem_comp_bond.atom_id_1 
_chem_comp_bond.atom_id_2 
_chem_comp_bond.value_order 
_chem_comp_bond.pdbx_aromatic_flag 
_chem_comp_bond.pdbx_stereo_config 
_chem_comp_bond.pdbx_ordinal 
4BF CD1 CE1  doub Y N 1   
4BF CD1 CG   sing Y N 2   
4BF CD1 HD1  sing N N 3   
4BF CE1 CZ   sing Y N 4   
4BF CE1 HE1  sing N N 5   
4BF CZ  BR   sing N N 6   
4BF CZ  CE2  doub Y N 7   
4BF CE2 CD2  sing Y N 8   
4BF CE2 HE2  sing N N 9   
4BF CD2 CG   doub Y N 10  
4BF CD2 HD2  sing N N 11  
4BF CG  CB   sing N N 12  
4BF CB  CA   sing N N 13  
4BF CB  HB3  sing N N 14  
4BF CB  HB2  sing N N 15  
4BF CA  N    sing N N 16  
4BF CA  C    sing N N 17  
4BF CA  HA   sing N N 18  
4BF N   H    sing N N 19  
4BF N   H2   sing N N 20  
4BF C   OXT  sing N N 21  
4BF C   O    doub N N 22  
4BF OXT HXT  sing N N 23  
ACY C   O    doub N N 24  
ACY C   OXT  sing N N 25  
ACY C   CH3  sing N N 26  
ACY OXT HXT  sing N N 27  
ACY CH3 H1   sing N N 28  
ACY CH3 H2   sing N N 29  
ACY CH3 H3   sing N N 30  
GLN N   CA   sing N N 31  
GLN N   H    sing N N 32  
GLN N   H2   sing N N 33  
GLN CA  C    sing N N 34  
GLN CA  CB   sing N N 35  
GLN CA  HA   sing N N 36  
GLN C   O    doub N N 37  
GLN C   OXT  sing N N 38  
GLN CB  CG   sing N N 39  
GLN CB  HB2  sing N N 40  
GLN CB  HB3  sing N N 41  
GLN CG  CD   sing N N 42  
GLN CG  HG2  sing N N 43  
GLN CG  HG3  sing N N 44  
GLN CD  OE1  doub N N 45  
GLN CD  NE2  sing N N 46  
GLN NE2 HE21 sing N N 47  
GLN NE2 HE22 sing N N 48  
GLN OXT HXT  sing N N 49  
GOL C1  O1   sing N N 50  
GOL C1  C2   sing N N 51  
GOL C1  H11  sing N N 52  
GOL C1  H12  sing N N 53  
GOL O1  HO1  sing N N 54  
GOL C2  O2   sing N N 55  
GOL C2  C3   sing N N 56  
GOL C2  H2   sing N N 57  
GOL O2  HO2  sing N N 58  
GOL C3  O3   sing N N 59  
GOL C3  H31  sing N N 60  
GOL C3  H32  sing N N 61  
GOL O3  HO3  sing N N 62  
HAO N   N9   sing N N 63  
HAO N   H    sing N N 64  
HAO C10 N9   sing N N 65  
HAO C10 CA   sing N N 66  
HAO O11 C10  doub N N 67  
HAO CA  C14  sing Y N 68  
HAO C13 CA   doub Y N 69  
HAO C13 C19  sing Y N 70  
HAO C13 H13  sing N N 71  
HAO C14 C17  doub Y N 72  
HAO C14 O15  sing N N 73  
HAO C15 H15  sing N N 74  
HAO C15 H15A sing N N 75  
HAO C15 H15B sing N N 76  
HAO O15 C15  sing N N 77  
HAO C17 H17  sing N N 78  
HAO C18 C17  sing Y N 79  
HAO C18 H18  sing N N 80  
HAO C19 C18  doub Y N 81  
HAO N20 C19  sing N N 82  
HAO N20 HN20 sing N N 83  
HAO C21 N20  sing N N 84  
HAO C21 O22  doub N N 85  
HAO C   C21  sing N N 86  
HAO C   OXT  sing N N 87  
HAO O   C    doub N N 88  
HAO N   H2   sing N N 89  
HAO N9  H10  sing N N 90  
HAO OXT HXT  sing N N 91  
HOH O   H1   sing N N 92  
HOH O   H2   sing N N 93  
ILE N   CA   sing N N 94  
ILE N   H    sing N N 95  
ILE N   H2   sing N N 96  
ILE CA  C    sing N N 97  
ILE CA  CB   sing N N 98  
ILE CA  HA   sing N N 99  
ILE C   O    doub N N 100 
ILE C   OXT  sing N N 101 
ILE CB  CG1  sing N N 102 
ILE CB  CG2  sing N N 103 
ILE CB  HB   sing N N 104 
ILE CG1 CD1  sing N N 105 
ILE CG1 HG12 sing N N 106 
ILE CG1 HG13 sing N N 107 
ILE CG2 HG21 sing N N 108 
ILE CG2 HG22 sing N N 109 
ILE CG2 HG23 sing N N 110 
ILE CD1 HD11 sing N N 111 
ILE CD1 HD12 sing N N 112 
ILE CD1 HD13 sing N N 113 
ILE OXT HXT  sing N N 114 
LEU N   CA   sing N N 115 
LEU N   H    sing N N 116 
LEU N   H2   sing N N 117 
LEU CA  C    sing N N 118 
LEU CA  CB   sing N N 119 
LEU CA  HA   sing N N 120 
LEU C   O    doub N N 121 
LEU C   OXT  sing N N 122 
LEU CB  CG   sing N N 123 
LEU CB  HB2  sing N N 124 
LEU CB  HB3  sing N N 125 
LEU CG  CD1  sing N N 126 
LEU CG  CD2  sing N N 127 
LEU CG  HG   sing N N 128 
LEU CD1 HD11 sing N N 129 
LEU CD1 HD12 sing N N 130 
LEU CD1 HD13 sing N N 131 
LEU CD2 HD21 sing N N 132 
LEU CD2 HD22 sing N N 133 
LEU CD2 HD23 sing N N 134 
LEU OXT HXT  sing N N 135 
LYS N   CA   sing N N 136 
LYS N   H    sing N N 137 
LYS N   H2   sing N N 138 
LYS CA  C    sing N N 139 
LYS CA  CB   sing N N 140 
LYS CA  HA   sing N N 141 
LYS C   O    doub N N 142 
LYS C   OXT  sing N N 143 
LYS CB  CG   sing N N 144 
LYS CB  HB2  sing N N 145 
LYS CB  HB3  sing N N 146 
LYS CG  CD   sing N N 147 
LYS CG  HG2  sing N N 148 
LYS CG  HG3  sing N N 149 
LYS CD  CE   sing N N 150 
LYS CD  HD2  sing N N 151 
LYS CD  HD3  sing N N 152 
LYS CE  NZ   sing N N 153 
LYS CE  HE2  sing N N 154 
LYS CE  HE3  sing N N 155 
LYS NZ  HZ1  sing N N 156 
LYS NZ  HZ2  sing N N 157 
LYS NZ  HZ3  sing N N 158 
LYS OXT HXT  sing N N 159 
ORN N   CA   sing N N 160 
ORN N   H    sing N N 161 
ORN N   H2   sing N N 162 
ORN CA  CB   sing N N 163 
ORN CA  C    sing N N 164 
ORN CA  HA   sing N N 165 
ORN CB  CG   sing N N 166 
ORN CB  HB2  sing N N 167 
ORN CB  HB3  sing N N 168 
ORN CG  CD   sing N N 169 
ORN CG  HG2  sing N N 170 
ORN CG  HG3  sing N N 171 
ORN CD  NE   sing N N 172 
ORN CD  HD2  sing N N 173 
ORN CD  HD3  sing N N 174 
ORN NE  HE1  sing N N 175 
ORN NE  HE2  sing N N 176 
ORN C   O    doub N N 177 
ORN C   OXT  sing N N 178 
ORN OXT HXT  sing N N 179 
VAL N   CA   sing N N 180 
VAL N   H    sing N N 181 
VAL N   H2   sing N N 182 
VAL CA  C    sing N N 183 
VAL CA  CB   sing N N 184 
VAL CA  HA   sing N N 185 
VAL C   O    doub N N 186 
VAL C   OXT  sing N N 187 
VAL CB  CG1  sing N N 188 
VAL CB  CG2  sing N N 189 
VAL CB  HB   sing N N 190 
VAL CG1 HG11 sing N N 191 
VAL CG1 HG12 sing N N 192 
VAL CG1 HG13 sing N N 193 
VAL CG2 HG21 sing N N 194 
VAL CG2 HG22 sing N N 195 
VAL CG2 HG23 sing N N 196 
VAL OXT HXT  sing N N 197 
# 
loop_
_pdbx_entity_nonpoly.entity_id 
_pdbx_entity_nonpoly.name 
_pdbx_entity_nonpoly.comp_id 
2 GLYCEROL      GOL 
3 'ACETIC ACID' ACY 
4 water         HOH 
# 
